data_3GO6
#
_entry.id   3GO6
#
_cell.length_a   78.424
_cell.length_b   117.900
_cell.length_c   91.571
_cell.angle_alpha   90.000
_cell.angle_beta   113.930
_cell.angle_gamma   90.000
#
_symmetry.space_group_name_H-M   'C 1 2 1'
#
loop_
_entity.id
_entity.type
_entity.pdbx_description
1 polymer 'RIBOKINASE RBSK'
2 non-polymer alpha-D-ribofuranose
3 non-polymer 'MAGNESIUM ION'
4 non-polymer "ADENOSINE-5'-DIPHOSPHATE"
5 water water
#
_entity_poly.entity_id   1
_entity_poly.type   'polypeptide(L)'
_entity_poly.pdbx_seq_one_letter_code
;MHHHHHHANASETNVGPMAPRVCVVGSVNMDLTFVVDALPRPGETVLAASLTRTPGGKGANQAVAAARAGAQVQFSGAFG
DDPAAAQLRAHLRANAVGLDRTVTVPGPSGTAIIVVDASAENTVLVAPGANAHLTPVPSAVANCDVLLTQLEIPVATALA
AARAAQSADAVVMVNASPAGQDRSSLQDLAAIADVVIANEHEANDWPSPPTHFVITLGVRGARYVGADGVFEVPAPTVTP
VDTAGAGDVFAGVLAANWPRNPGSPAERLRALRRACAAGALATLVSGVGDCAPAAAAIDAALRANRHNGS
;
_entity_poly.pdbx_strand_id   A,B
#
loop_
_chem_comp.id
_chem_comp.type
_chem_comp.name
_chem_comp.formula
ADP non-polymer ADENOSINE-5'-DIPHOSPHATE 'C10 H15 N5 O10 P2'
MG non-polymer 'MAGNESIUM ION' 'Mg 2'
RIB D-saccharide, alpha linking alpha-D-ribofuranose 'C5 H10 O5'
#
# COMPACT_ATOMS: atom_id res chain seq x y z
N ALA A 19 4.86 18.02 -12.69
CA ALA A 19 3.54 17.42 -12.29
C ALA A 19 3.15 17.91 -10.90
N PRO A 20 1.87 18.29 -10.69
CA PRO A 20 1.47 18.77 -9.37
C PRO A 20 1.51 17.64 -8.34
N ARG A 21 1.91 17.99 -7.12
CA ARG A 21 1.99 17.01 -6.05
C ARG A 21 0.73 17.15 -5.23
N VAL A 22 -0.13 16.14 -5.30
CA VAL A 22 -1.37 16.15 -4.55
C VAL A 22 -1.25 15.19 -3.37
N CYS A 23 -1.52 15.70 -2.17
CA CYS A 23 -1.65 14.83 -1.00
C CYS A 23 -3.13 14.68 -0.58
N VAL A 24 -3.62 13.44 -0.60
CA VAL A 24 -5.00 13.18 -0.20
C VAL A 24 -4.98 12.61 1.22
N VAL A 25 -5.68 13.27 2.13
CA VAL A 25 -5.82 12.76 3.50
C VAL A 25 -7.29 12.41 3.66
N GLY A 26 -7.60 11.13 3.78
CA GLY A 26 -9.01 10.74 3.72
C GLY A 26 -9.23 9.26 3.87
N SER A 27 -10.40 8.80 3.40
CA SER A 27 -10.88 7.48 3.73
C SER A 27 -10.71 6.46 2.61
N VAL A 28 -10.66 5.20 3.03
CA VAL A 28 -10.56 4.08 2.09
C VAL A 28 -11.48 2.99 2.62
N ASN A 29 -12.40 2.52 1.78
CA ASN A 29 -13.47 1.60 2.18
C ASN A 29 -13.54 0.50 1.15
N MET A 30 -13.95 -0.70 1.55
CA MET A 30 -14.44 -1.66 0.55
C MET A 30 -15.93 -1.37 0.24
N ASP A 31 -16.27 -1.27 -1.05
CA ASP A 31 -17.59 -0.87 -1.51
C ASP A 31 -18.39 -2.07 -1.93
N LEU A 32 -19.62 -2.14 -1.45
CA LEU A 32 -20.59 -3.14 -1.94
C LEU A 32 -21.60 -2.33 -2.76
N THR A 33 -21.60 -2.51 -4.07
CA THR A 33 -22.44 -1.72 -4.96
C THR A 33 -23.59 -2.60 -5.46
N PHE A 34 -24.82 -2.14 -5.23
CA PHE A 34 -26.04 -2.86 -5.54
C PHE A 34 -26.80 -2.07 -6.61
N VAL A 35 -27.27 -2.76 -7.63
CA VAL A 35 -28.15 -2.12 -8.62
C VAL A 35 -29.59 -2.55 -8.34
N VAL A 36 -30.49 -1.56 -8.26
CA VAL A 36 -31.91 -1.78 -8.00
C VAL A 36 -32.75 -1.03 -9.06
N ASP A 37 -34.05 -1.33 -9.12
CA ASP A 37 -34.94 -0.51 -9.93
C ASP A 37 -35.21 0.82 -9.21
N ALA A 38 -35.67 0.73 -7.97
CA ALA A 38 -35.93 1.90 -7.13
C ALA A 38 -35.16 1.81 -5.81
N LEU A 39 -34.66 2.94 -5.32
CA LEU A 39 -34.05 2.96 -3.98
C LEU A 39 -35.05 2.49 -2.93
N PRO A 40 -34.60 1.64 -1.98
CA PRO A 40 -35.51 1.19 -0.91
C PRO A 40 -36.01 2.35 -0.05
N ARG A 41 -37.28 2.29 0.35
CA ARG A 41 -37.86 3.26 1.27
C ARG A 41 -37.88 2.65 2.65
N PRO A 42 -37.98 3.48 3.71
CA PRO A 42 -37.96 2.93 5.06
C PRO A 42 -38.98 1.81 5.26
N GLY A 43 -38.55 0.71 5.88
CA GLY A 43 -39.42 -0.43 6.14
C GLY A 43 -39.50 -1.45 5.03
N GLU A 44 -38.99 -1.10 3.86
CA GLU A 44 -39.08 -1.95 2.68
C GLU A 44 -38.01 -3.05 2.63
N THR A 45 -38.34 -4.15 1.94
CA THR A 45 -37.33 -5.16 1.60
C THR A 45 -37.19 -5.19 0.10
N VAL A 46 -35.97 -5.00 -0.40
CA VAL A 46 -35.74 -4.89 -1.83
C VAL A 46 -34.74 -5.94 -2.28
N LEU A 47 -35.04 -6.56 -3.43
CA LEU A 47 -34.12 -7.49 -4.06
C LEU A 47 -33.28 -6.79 -5.13
N ALA A 48 -31.97 -6.75 -4.92
CA ALA A 48 -31.04 -6.13 -5.87
C ALA A 48 -30.87 -6.96 -7.12
N ALA A 49 -30.63 -6.29 -8.23
CA ALA A 49 -30.37 -6.94 -9.51
C ALA A 49 -28.94 -7.51 -9.60
N SER A 50 -28.00 -6.83 -8.95
CA SER A 50 -26.59 -7.21 -8.98
C SER A 50 -25.86 -6.65 -7.76
N LEU A 51 -24.71 -7.24 -7.46
CA LEU A 51 -23.87 -6.81 -6.35
C LEU A 51 -22.42 -6.99 -6.77
N THR A 52 -21.62 -5.94 -6.60
CA THR A 52 -20.17 -6.06 -6.76
C THR A 52 -19.48 -5.66 -5.45
N ARG A 53 -18.26 -6.16 -5.24
CA ARG A 53 -17.45 -5.83 -4.08
C ARG A 53 -16.14 -5.26 -4.62
N THR A 54 -15.89 -3.97 -4.46
CA THR A 54 -14.73 -3.30 -5.08
C THR A 54 -14.10 -2.28 -4.13
N PRO A 55 -12.77 -2.09 -4.20
CA PRO A 55 -12.13 -1.04 -3.39
C PRO A 55 -12.64 0.35 -3.74
N GLY A 56 -12.84 1.17 -2.71
CA GLY A 56 -13.21 2.57 -2.92
C GLY A 56 -12.93 3.40 -1.69
N GLY A 57 -13.88 4.25 -1.32
CA GLY A 57 -13.67 5.25 -0.27
C GLY A 57 -13.41 6.61 -0.92
N LYS A 58 -14.06 7.65 -0.42
CA LYS A 58 -13.85 9.01 -0.98
C LYS A 58 -12.38 9.38 -1.15
N GLY A 59 -11.55 9.10 -0.16
CA GLY A 59 -10.16 9.54 -0.22
C GLY A 59 -9.40 8.74 -1.28
N ALA A 60 -9.56 7.42 -1.23
CA ALA A 60 -8.93 6.54 -2.21
C ALA A 60 -9.38 6.93 -3.63
N ASN A 61 -10.69 7.11 -3.81
CA ASN A 61 -11.25 7.45 -5.13
C ASN A 61 -10.69 8.78 -5.64
N GLN A 62 -10.59 9.76 -4.76
CA GLN A 62 -10.07 11.08 -5.15
C GLN A 62 -8.58 11.02 -5.49
N ALA A 63 -7.82 10.21 -4.74
CA ALA A 63 -6.40 10.01 -5.02
C ALA A 63 -6.20 9.33 -6.38
N VAL A 64 -7.00 8.31 -6.66
CA VAL A 64 -6.94 7.58 -7.94
C VAL A 64 -7.27 8.50 -9.14
N ALA A 65 -8.32 9.31 -8.98
CA ALA A 65 -8.69 10.26 -10.03
C ALA A 65 -7.60 11.32 -10.27
N ALA A 66 -7.05 11.88 -9.19
CA ALA A 66 -5.93 12.82 -9.33
C ALA A 66 -4.72 12.20 -10.04
N ALA A 67 -4.40 10.94 -9.71
CA ALA A 67 -3.29 10.22 -10.36
C ALA A 67 -3.55 9.96 -11.85
N ARG A 68 -4.75 9.48 -12.18
CA ARG A 68 -5.11 9.29 -13.59
C ARG A 68 -5.14 10.61 -14.38
N ALA A 69 -5.46 11.72 -13.70
CA ALA A 69 -5.43 13.06 -14.30
C ALA A 69 -4.03 13.67 -14.43
N GLY A 70 -2.99 12.98 -13.94
CA GLY A 70 -1.61 13.40 -14.15
C GLY A 70 -0.86 13.95 -12.94
N ALA A 71 -1.51 13.96 -11.78
CA ALA A 71 -0.83 14.42 -10.57
C ALA A 71 0.07 13.33 -10.01
N GLN A 72 1.07 13.75 -9.25
CA GLN A 72 1.84 12.82 -8.45
C GLN A 72 1.19 12.79 -7.07
N VAL A 73 0.65 11.63 -6.71
CA VAL A 73 -0.27 11.56 -5.57
C VAL A 73 0.27 10.71 -4.42
N GLN A 74 0.11 11.24 -3.21
CA GLN A 74 0.31 10.49 -1.97
C GLN A 74 -1.03 10.41 -1.23
N PHE A 75 -1.34 9.23 -0.69
CA PHE A 75 -2.53 9.06 0.12
C PHE A 75 -2.11 8.82 1.58
N SER A 76 -2.78 9.51 2.49
CA SER A 76 -2.65 9.29 3.92
C SER A 76 -4.02 8.89 4.45
N GLY A 77 -4.11 7.68 4.99
CA GLY A 77 -5.38 7.12 5.44
C GLY A 77 -5.09 5.90 6.33
N ALA A 78 -6.13 5.41 6.99
CA ALA A 78 -6.01 4.29 7.93
C ALA A 78 -6.67 3.07 7.35
N PHE A 79 -5.89 1.99 7.21
CA PHE A 79 -6.41 0.70 6.79
C PHE A 79 -6.68 -0.09 8.07
N GLY A 80 -7.61 -1.03 8.02
CA GLY A 80 -7.80 -1.98 9.13
C GLY A 80 -6.73 -3.05 9.07
N ASP A 81 -6.69 -3.94 10.07
CA ASP A 81 -5.66 -4.98 10.09
C ASP A 81 -6.28 -6.30 9.62
N ASP A 82 -6.99 -6.22 8.49
CA ASP A 82 -7.83 -7.31 8.02
C ASP A 82 -7.51 -7.68 6.57
N PRO A 83 -8.02 -8.83 6.09
CA PRO A 83 -7.87 -9.18 4.67
C PRO A 83 -8.30 -8.10 3.65
N ALA A 84 -9.41 -7.40 3.93
CA ALA A 84 -9.85 -6.29 3.03
C ALA A 84 -8.72 -5.32 2.76
N ALA A 85 -7.94 -5.00 3.80
CA ALA A 85 -6.89 -4.00 3.67
C ALA A 85 -5.86 -4.35 2.59
N ALA A 86 -5.59 -5.63 2.37
CA ALA A 86 -4.61 -6.03 1.34
C ALA A 86 -5.11 -5.65 -0.07
N GLN A 87 -6.39 -5.90 -0.32
CA GLN A 87 -7.04 -5.57 -1.58
C GLN A 87 -7.14 -4.04 -1.78
N LEU A 88 -7.43 -3.32 -0.70
CA LEU A 88 -7.53 -1.85 -0.74
C LEU A 88 -6.17 -1.21 -1.06
N ARG A 89 -5.12 -1.68 -0.40
CA ARG A 89 -3.76 -1.20 -0.65
C ARG A 89 -3.32 -1.50 -2.09
N ALA A 90 -3.59 -2.70 -2.58
CA ALA A 90 -3.17 -3.09 -3.91
C ALA A 90 -3.89 -2.24 -4.97
N HIS A 91 -5.16 -1.91 -4.72
CA HIS A 91 -5.93 -1.02 -5.63
C HIS A 91 -5.22 0.33 -5.80
N LEU A 92 -4.77 0.90 -4.68
CA LEU A 92 -4.05 2.18 -4.70
C LEU A 92 -2.68 2.07 -5.39
N ARG A 93 -1.90 1.04 -5.03
CA ARG A 93 -0.62 0.78 -5.71
C ARG A 93 -0.79 0.60 -7.22
N ALA A 94 -1.83 -0.13 -7.63
CA ALA A 94 -2.10 -0.39 -9.05
C ALA A 94 -2.35 0.91 -9.82
N ASN A 95 -2.76 1.96 -9.09
CA ASN A 95 -3.08 3.27 -9.70
C ASN A 95 -2.04 4.35 -9.46
N ALA A 96 -0.84 3.93 -9.05
CA ALA A 96 0.32 4.82 -8.81
C ALA A 96 0.13 5.82 -7.67
N VAL A 97 -0.68 5.46 -6.68
CA VAL A 97 -0.88 6.32 -5.51
C VAL A 97 0.08 5.82 -4.44
N GLY A 98 0.91 6.72 -3.93
CA GLY A 98 1.86 6.39 -2.86
C GLY A 98 1.17 6.15 -1.53
N LEU A 99 1.70 5.19 -0.76
CA LEU A 99 1.11 4.76 0.51
C LEU A 99 2.05 4.84 1.73
N ASP A 100 3.20 5.48 1.59
CA ASP A 100 4.15 5.48 2.70
C ASP A 100 3.68 6.26 3.92
N ARG A 101 2.69 7.13 3.76
CA ARG A 101 2.16 7.90 4.89
C ARG A 101 0.83 7.31 5.43
N THR A 102 0.53 6.07 5.07
CA THR A 102 -0.68 5.43 5.58
C THR A 102 -0.38 4.70 6.89
N VAL A 103 -1.43 4.32 7.60
CA VAL A 103 -1.27 3.55 8.82
C VAL A 103 -2.18 2.32 8.81
N THR A 104 -1.85 1.34 9.64
CA THR A 104 -2.74 0.22 9.94
C THR A 104 -3.28 0.45 11.34
N VAL A 105 -4.60 0.33 11.49
CA VAL A 105 -5.28 0.52 12.76
C VAL A 105 -5.97 -0.82 13.12
N PRO A 106 -6.05 -1.17 14.43
CA PRO A 106 -6.72 -2.43 14.72
C PRO A 106 -8.19 -2.49 14.24
N GLY A 107 -8.65 -3.65 13.83
CA GLY A 107 -10.06 -3.85 13.48
C GLY A 107 -10.37 -3.60 12.00
N PRO A 108 -11.66 -3.61 11.65
CA PRO A 108 -12.03 -3.63 10.25
C PRO A 108 -11.67 -2.36 9.47
N SER A 109 -11.31 -2.57 8.20
CA SER A 109 -11.27 -1.47 7.23
C SER A 109 -12.70 -0.94 7.05
N GLY A 110 -12.85 0.30 6.59
CA GLY A 110 -14.21 0.82 6.29
C GLY A 110 -15.00 -0.01 5.28
N THR A 111 -16.33 0.04 5.40
CA THR A 111 -17.24 -0.64 4.47
C THR A 111 -18.25 0.39 3.99
N ALA A 112 -18.50 0.45 2.68
CA ALA A 112 -19.59 1.31 2.20
C ALA A 112 -20.61 0.57 1.37
N ILE A 113 -21.87 1.00 1.46
CA ILE A 113 -22.95 0.44 0.64
C ILE A 113 -23.34 1.51 -0.36
N ILE A 114 -23.25 1.18 -1.65
CA ILE A 114 -23.66 2.08 -2.71
C ILE A 114 -24.88 1.45 -3.39
N VAL A 115 -25.97 2.19 -3.51
CA VAL A 115 -27.14 1.67 -4.20
C VAL A 115 -27.42 2.57 -5.41
N VAL A 116 -27.60 1.96 -6.58
CA VAL A 116 -27.72 2.72 -7.85
C VAL A 116 -29.06 2.28 -8.44
N ASP A 117 -29.92 3.26 -8.72
CA ASP A 117 -31.27 2.98 -9.23
C ASP A 117 -31.40 3.13 -10.75
N ALA A 118 -32.61 2.96 -11.26
CA ALA A 118 -32.86 2.98 -12.71
C ALA A 118 -32.52 4.31 -13.40
N SER A 119 -32.55 5.42 -12.67
CA SER A 119 -32.20 6.72 -13.24
C SER A 119 -30.70 7.05 -13.14
N ALA A 120 -29.90 6.08 -12.66
CA ALA A 120 -28.46 6.23 -12.40
C ALA A 120 -28.12 7.07 -11.15
N GLU A 121 -29.15 7.48 -10.41
CA GLU A 121 -28.95 8.13 -9.13
C GLU A 121 -28.39 7.12 -8.12
N ASN A 122 -27.73 7.60 -7.07
CA ASN A 122 -27.07 6.70 -6.10
C ASN A 122 -27.23 7.22 -4.68
N THR A 123 -27.19 6.30 -3.70
CA THR A 123 -27.05 6.65 -2.29
C THR A 123 -25.81 5.96 -1.76
N VAL A 124 -25.21 6.56 -0.74
CA VAL A 124 -23.99 5.97 -0.15
C VAL A 124 -24.14 5.93 1.37
N LEU A 125 -23.87 4.77 1.96
CA LEU A 125 -23.89 4.58 3.40
C LEU A 125 -22.55 3.98 3.83
N VAL A 126 -21.91 4.59 4.82
CA VAL A 126 -20.51 4.23 5.16
C VAL A 126 -20.41 3.86 6.63
N ALA A 127 -19.82 2.70 6.90
CA ALA A 127 -19.40 2.37 8.26
C ALA A 127 -17.89 2.60 8.21
N PRO A 128 -17.42 3.73 8.78
CA PRO A 128 -16.05 4.13 8.52
C PRO A 128 -14.96 3.18 9.03
N GLY A 129 -15.26 2.34 10.04
CA GLY A 129 -14.24 1.39 10.54
C GLY A 129 -12.93 2.10 10.90
N ALA A 130 -11.82 1.60 10.37
CA ALA A 130 -10.49 2.17 10.62
C ALA A 130 -10.38 3.66 10.30
N ASN A 131 -11.10 4.13 9.28
CA ASN A 131 -11.06 5.54 8.91
C ASN A 131 -11.42 6.50 10.03
N ALA A 132 -12.33 6.06 10.91
CA ALA A 132 -12.74 6.85 12.08
C ALA A 132 -11.63 6.99 13.12
N HIS A 133 -10.56 6.21 12.97
CA HIS A 133 -9.44 6.25 13.91
C HIS A 133 -8.15 6.78 13.32
N LEU A 134 -8.25 7.45 12.17
CA LEU A 134 -7.09 8.13 11.60
C LEU A 134 -6.71 9.37 12.42
N THR A 135 -5.52 9.34 13.02
CA THR A 135 -4.98 10.49 13.76
C THR A 135 -3.95 11.17 12.86
N PRO A 136 -3.61 12.44 13.16
CA PRO A 136 -2.69 13.15 12.25
C PRO A 136 -1.31 12.48 12.08
N VAL A 137 -0.98 12.09 10.84
CA VAL A 137 0.31 11.46 10.51
C VAL A 137 1.30 12.61 10.25
N PRO A 138 2.44 12.62 10.98
CA PRO A 138 3.35 13.79 10.97
C PRO A 138 3.64 14.39 9.57
N SER A 139 4.20 13.59 8.68
CA SER A 139 4.60 14.08 7.36
C SER A 139 3.57 13.75 6.28
N ALA A 140 2.31 13.58 6.71
CA ALA A 140 1.19 13.34 5.80
C ALA A 140 1.17 14.31 4.62
N VAL A 141 1.38 15.60 4.88
CA VAL A 141 1.31 16.61 3.84
C VAL A 141 2.67 17.20 3.43
N ALA A 142 3.75 16.47 3.72
CA ALA A 142 5.09 16.90 3.29
C ALA A 142 5.12 17.07 1.79
N ASN A 143 5.78 18.15 1.35
CA ASN A 143 6.04 18.39 -0.07
C ASN A 143 4.82 18.20 -0.97
N CYS A 144 3.75 18.94 -0.69
CA CYS A 144 2.62 18.92 -1.62
C CYS A 144 2.27 20.31 -2.10
N ASP A 145 1.63 20.35 -3.27
CA ASP A 145 1.11 21.57 -3.86
C ASP A 145 -0.36 21.77 -3.46
N VAL A 146 -1.10 20.66 -3.42
CA VAL A 146 -2.52 20.69 -3.01
C VAL A 146 -2.79 19.58 -1.99
N LEU A 147 -3.34 19.97 -0.83
CA LEU A 147 -3.94 18.99 0.09
C LEU A 147 -5.42 18.83 -0.26
N LEU A 148 -5.86 17.59 -0.48
CA LEU A 148 -7.28 17.34 -0.66
C LEU A 148 -7.77 16.41 0.45
N THR A 149 -8.83 16.83 1.14
CA THR A 149 -9.35 16.05 2.26
C THR A 149 -10.88 16.02 2.24
N GLN A 150 -11.47 15.05 2.95
CA GLN A 150 -12.94 14.91 3.06
C GLN A 150 -13.24 14.53 4.50
N LEU A 151 -14.51 14.27 4.79
CA LEU A 151 -14.96 14.25 6.17
C LEU A 151 -15.43 12.91 6.71
N GLU A 152 -15.03 11.80 6.08
CA GLU A 152 -15.31 10.48 6.66
C GLU A 152 -14.30 10.12 7.76
N ILE A 153 -13.10 10.70 7.66
CA ILE A 153 -12.10 10.64 8.72
C ILE A 153 -12.48 11.71 9.79
N PRO A 154 -11.84 11.65 10.99
CA PRO A 154 -12.12 12.69 11.99
C PRO A 154 -11.88 14.09 11.43
N VAL A 155 -12.83 15.01 11.67
CA VAL A 155 -12.65 16.38 11.20
C VAL A 155 -11.37 17.01 11.78
N ALA A 156 -11.05 16.65 13.03
CA ALA A 156 -9.82 17.15 13.68
C ALA A 156 -8.56 16.69 12.95
N THR A 157 -8.61 15.50 12.34
CA THR A 157 -7.50 15.03 11.49
C THR A 157 -7.39 15.80 10.16
N ALA A 158 -8.52 15.98 9.47
CA ALA A 158 -8.58 16.88 8.33
C ALA A 158 -8.01 18.27 8.65
N LEU A 159 -8.45 18.83 9.79
CA LEU A 159 -8.01 20.15 10.27
C LEU A 159 -6.50 20.22 10.50
N ALA A 160 -5.94 19.22 11.18
CA ALA A 160 -4.48 19.14 11.37
C ALA A 160 -3.73 19.10 10.05
N ALA A 161 -4.21 18.30 9.09
CA ALA A 161 -3.58 18.26 7.76
C ALA A 161 -3.67 19.64 7.11
N ALA A 162 -4.82 20.29 7.23
CA ALA A 162 -5.03 21.61 6.60
C ALA A 162 -4.06 22.66 7.16
N ARG A 163 -3.89 22.67 8.48
CA ARG A 163 -2.98 23.64 9.13
C ARG A 163 -1.53 23.42 8.72
N ALA A 164 -1.10 22.15 8.67
CA ALA A 164 0.24 21.81 8.16
C ALA A 164 0.42 22.23 6.69
N ALA A 165 -0.53 21.84 5.84
CA ALA A 165 -0.49 22.23 4.43
C ALA A 165 -0.42 23.75 4.27
N GLN A 166 -1.22 24.48 5.03
CA GLN A 166 -1.26 25.93 4.87
C GLN A 166 0.05 26.61 5.28
N SER A 167 0.69 26.10 6.34
CA SER A 167 1.99 26.61 6.76
C SER A 167 3.02 26.49 5.64
N ALA A 168 2.92 25.41 4.85
CA ALA A 168 3.82 25.17 3.73
C ALA A 168 3.31 25.79 2.43
N ASP A 169 2.31 26.67 2.57
CA ASP A 169 1.63 27.36 1.45
C ASP A 169 1.10 26.42 0.35
N ALA A 170 0.64 25.24 0.75
CA ALA A 170 -0.13 24.36 -0.13
C ALA A 170 -1.59 24.80 -0.15
N VAL A 171 -2.27 24.54 -1.26
CA VAL A 171 -3.71 24.75 -1.34
C VAL A 171 -4.47 23.81 -0.37
N VAL A 172 -5.35 24.38 0.45
CA VAL A 172 -6.23 23.57 1.29
C VAL A 172 -7.56 23.38 0.55
N MET A 173 -7.83 22.14 0.12
CA MET A 173 -9.03 21.80 -0.63
C MET A 173 -9.83 20.75 0.12
N VAL A 174 -11.07 21.08 0.46
CA VAL A 174 -11.91 20.21 1.27
C VAL A 174 -13.14 19.81 0.50
N ASN A 175 -13.34 18.50 0.38
CA ASN A 175 -14.63 18.00 -0.08
C ASN A 175 -15.50 17.88 1.15
N ALA A 176 -16.47 18.80 1.28
CA ALA A 176 -17.30 18.88 2.50
C ALA A 176 -18.38 17.81 2.51
N SER A 177 -17.96 16.54 2.58
CA SER A 177 -18.86 15.41 2.50
C SER A 177 -18.27 14.31 3.40
N PRO A 178 -19.10 13.67 4.25
CA PRO A 178 -20.53 13.91 4.44
C PRO A 178 -20.77 15.18 5.24
N ALA A 179 -21.99 15.68 5.18
CA ALA A 179 -22.46 16.81 6.00
C ALA A 179 -22.68 16.38 7.46
N GLY A 180 -22.92 17.34 8.35
CA GLY A 180 -23.28 17.03 9.74
C GLY A 180 -22.17 16.55 10.66
N GLN A 181 -20.92 16.76 10.29
CA GLN A 181 -19.82 16.35 11.15
C GLN A 181 -19.58 17.34 12.33
N ASP A 182 -18.50 17.13 13.08
CA ASP A 182 -18.21 17.89 14.31
C ASP A 182 -18.16 19.40 14.04
N ARG A 183 -19.21 20.11 14.45
CA ARG A 183 -19.41 21.52 14.12
C ARG A 183 -18.23 22.45 14.50
N SER A 184 -17.66 22.24 15.67
CA SER A 184 -16.57 23.09 16.15
C SER A 184 -15.29 22.93 15.30
N SER A 185 -14.91 21.68 15.03
CA SER A 185 -13.80 21.39 14.11
C SER A 185 -14.09 21.89 12.70
N LEU A 186 -15.35 21.77 12.28
CA LEU A 186 -15.78 22.22 10.96
C LEU A 186 -15.59 23.72 10.83
N GLN A 187 -15.95 24.45 11.89
CA GLN A 187 -15.80 25.92 11.87
C GLN A 187 -14.33 26.32 11.74
N ASP A 188 -13.45 25.61 12.45
CA ASP A 188 -12.02 25.84 12.36
C ASP A 188 -11.47 25.48 10.98
N LEU A 189 -11.95 24.38 10.41
CA LEU A 189 -11.53 24.01 9.05
C LEU A 189 -12.06 25.03 8.03
N ALA A 190 -13.32 25.43 8.16
CA ALA A 190 -13.92 26.38 7.22
C ALA A 190 -13.17 27.73 7.21
N ALA A 191 -12.73 28.16 8.38
CA ALA A 191 -11.98 29.43 8.55
C ALA A 191 -10.74 29.50 7.69
N ILE A 192 -10.13 28.36 7.39
CA ILE A 192 -8.88 28.33 6.65
C ILE A 192 -8.89 27.65 5.26
N ALA A 193 -9.98 26.98 4.89
CA ALA A 193 -10.04 26.30 3.57
C ALA A 193 -9.92 27.30 2.43
N ASP A 194 -9.07 26.99 1.45
CA ASP A 194 -8.94 27.75 0.23
C ASP A 194 -10.09 27.43 -0.73
N VAL A 195 -10.39 26.13 -0.88
CA VAL A 195 -11.38 25.63 -1.85
C VAL A 195 -12.23 24.62 -1.11
N VAL A 196 -13.56 24.72 -1.28
CA VAL A 196 -14.47 23.73 -0.76
C VAL A 196 -15.31 23.22 -1.93
N ILE A 197 -15.41 21.90 -2.02
CA ILE A 197 -16.19 21.22 -3.05
C ILE A 197 -17.32 20.55 -2.33
N ALA A 198 -18.54 20.80 -2.80
CA ALA A 198 -19.71 20.23 -2.15
C ALA A 198 -20.89 20.24 -3.08
N ASN A 199 -21.82 19.31 -2.93
CA ASN A 199 -23.11 19.45 -3.63
C ASN A 199 -23.95 20.54 -2.94
N GLU A 200 -25.13 20.85 -3.46
CA GLU A 200 -25.93 21.95 -2.90
C GLU A 200 -26.29 21.73 -1.42
N HIS A 201 -26.74 20.51 -1.10
CA HIS A 201 -27.10 20.17 0.28
C HIS A 201 -25.88 20.24 1.23
N GLU A 202 -24.76 19.65 0.81
CA GLU A 202 -23.52 19.74 1.58
C GLU A 202 -23.03 21.19 1.71
N ALA A 203 -23.16 21.98 0.65
CA ALA A 203 -22.71 23.38 0.70
C ALA A 203 -23.51 24.20 1.74
N ASN A 204 -24.81 23.93 1.83
CA ASN A 204 -25.68 24.56 2.83
C ASN A 204 -25.24 24.28 4.27
N ASP A 205 -24.72 23.08 4.52
CA ASP A 205 -24.30 22.68 5.85
C ASP A 205 -22.95 23.22 6.28
N TRP A 206 -22.11 23.61 5.32
CA TRP A 206 -20.76 24.07 5.60
C TRP A 206 -20.78 25.42 6.36
N PRO A 207 -19.95 25.57 7.41
CA PRO A 207 -20.04 26.74 8.30
C PRO A 207 -19.87 28.15 7.69
N SER A 208 -18.89 28.36 6.83
CA SER A 208 -18.59 29.71 6.33
C SER A 208 -17.87 29.57 4.99
N PRO A 209 -18.02 30.57 4.08
CA PRO A 209 -17.49 30.41 2.74
C PRO A 209 -15.99 30.45 2.65
N PRO A 210 -15.40 29.59 1.79
CA PRO A 210 -13.97 29.59 1.52
C PRO A 210 -13.65 30.63 0.47
N THR A 211 -12.36 30.79 0.16
CA THR A 211 -11.97 31.69 -0.91
C THR A 211 -12.66 31.28 -2.22
N HIS A 212 -12.71 29.97 -2.47
CA HIS A 212 -13.28 29.44 -3.71
C HIS A 212 -14.29 28.32 -3.37
N PHE A 213 -15.59 28.63 -3.45
CA PHE A 213 -16.66 27.67 -3.14
C PHE A 213 -17.10 27.04 -4.46
N VAL A 214 -16.87 25.73 -4.60
CA VAL A 214 -17.18 24.99 -5.82
C VAL A 214 -18.36 24.09 -5.53
N ILE A 215 -19.52 24.46 -6.03
CA ILE A 215 -20.73 23.73 -5.70
C ILE A 215 -21.13 22.89 -6.90
N THR A 216 -21.05 21.57 -6.77
CA THR A 216 -21.33 20.68 -7.88
C THR A 216 -22.84 20.56 -8.07
N LEU A 217 -23.26 20.44 -9.32
CA LEU A 217 -24.67 20.51 -9.70
C LEU A 217 -25.06 19.28 -10.54
N GLY A 218 -24.46 18.13 -10.27
CA GLY A 218 -24.75 16.93 -11.07
C GLY A 218 -24.46 17.23 -12.53
N VAL A 219 -25.46 17.05 -13.40
CA VAL A 219 -25.28 17.21 -14.87
C VAL A 219 -25.08 18.63 -15.37
N ARG A 220 -25.47 19.63 -14.59
CA ARG A 220 -25.26 21.01 -14.98
C ARG A 220 -23.82 21.47 -14.72
N GLY A 221 -22.98 20.56 -14.23
CA GLY A 221 -21.57 20.88 -13.97
C GLY A 221 -21.35 21.38 -12.54
N ALA A 222 -21.02 22.66 -12.43
CA ALA A 222 -20.70 23.26 -11.14
C ALA A 222 -20.97 24.76 -11.15
N ARG A 223 -21.25 25.29 -9.96
CA ARG A 223 -21.44 26.72 -9.69
C ARG A 223 -20.21 27.15 -8.87
N TYR A 224 -19.64 28.30 -9.19
CA TYR A 224 -18.56 28.89 -8.39
C TYR A 224 -19.03 30.16 -7.67
N VAL A 225 -18.70 30.27 -6.38
CA VAL A 225 -18.88 31.49 -5.60
C VAL A 225 -17.58 31.78 -4.85
N GLY A 226 -17.00 32.97 -5.07
CA GLY A 226 -15.83 33.37 -4.30
C GLY A 226 -15.11 34.57 -4.87
N ALA A 227 -13.81 34.62 -4.62
CA ALA A 227 -12.97 35.75 -5.02
C ALA A 227 -13.06 36.10 -6.51
N ASP A 228 -13.37 35.10 -7.35
CA ASP A 228 -13.49 35.32 -8.80
C ASP A 228 -14.90 35.75 -9.21
N GLY A 229 -15.77 35.94 -8.24
CA GLY A 229 -17.16 36.28 -8.49
C GLY A 229 -18.11 35.10 -8.37
N VAL A 230 -19.11 35.08 -9.26
CA VAL A 230 -20.19 34.10 -9.23
C VAL A 230 -20.47 33.69 -10.68
N PHE A 231 -20.30 32.41 -10.98
CA PHE A 231 -20.55 31.88 -12.32
C PHE A 231 -20.79 30.38 -12.31
N GLU A 232 -21.24 29.87 -13.45
CA GLU A 232 -21.48 28.45 -13.61
C GLU A 232 -20.54 27.89 -14.69
N VAL A 233 -20.23 26.61 -14.57
CA VAL A 233 -19.36 25.93 -15.52
C VAL A 233 -20.11 24.65 -15.93
N PRO A 234 -20.51 24.56 -17.21
CA PRO A 234 -21.22 23.38 -17.72
C PRO A 234 -20.36 22.12 -17.88
N ALA A 235 -21.03 20.97 -17.86
CA ALA A 235 -20.39 19.69 -18.15
C ALA A 235 -20.83 19.23 -19.54
N PRO A 236 -20.02 18.39 -20.21
CA PRO A 236 -20.51 17.69 -21.41
C PRO A 236 -21.83 16.95 -21.17
N THR A 237 -22.71 16.97 -22.18
CA THR A 237 -23.97 16.26 -22.10
C THR A 237 -23.70 14.77 -22.36
N VAL A 238 -24.18 13.91 -21.47
CA VAL A 238 -23.97 12.46 -21.62
C VAL A 238 -25.22 11.68 -21.25
N THR A 239 -25.33 10.45 -21.74
CA THR A 239 -26.30 9.51 -21.22
C THR A 239 -25.65 8.74 -20.05
N PRO A 240 -26.15 8.94 -18.83
CA PRO A 240 -25.48 8.38 -17.64
C PRO A 240 -25.75 6.90 -17.47
N VAL A 241 -24.79 6.21 -16.86
CA VAL A 241 -24.92 4.80 -16.50
C VAL A 241 -24.98 4.66 -14.97
N ASP A 242 -24.09 5.37 -14.28
CA ASP A 242 -23.94 5.26 -12.84
C ASP A 242 -23.24 6.52 -12.34
N THR A 243 -23.97 7.36 -11.61
CA THR A 243 -23.42 8.61 -11.09
C THR A 243 -22.51 8.41 -9.87
N ALA A 244 -22.58 7.23 -9.24
CA ALA A 244 -21.75 6.98 -8.06
C ALA A 244 -20.27 7.10 -8.42
N GLY A 245 -19.53 7.77 -7.54
CA GLY A 245 -18.11 7.93 -7.76
C GLY A 245 -17.77 9.17 -8.57
N ALA A 246 -18.73 9.76 -9.26
CA ALA A 246 -18.38 10.87 -10.16
C ALA A 246 -17.93 12.12 -9.41
N GLY A 247 -18.54 12.36 -8.25
CA GLY A 247 -18.15 13.49 -7.41
C GLY A 247 -16.70 13.38 -6.93
N ASP A 248 -16.25 12.17 -6.60
CA ASP A 248 -14.85 11.94 -6.20
C ASP A 248 -13.93 12.18 -7.37
N VAL A 249 -14.36 11.78 -8.56
CA VAL A 249 -13.60 12.06 -9.78
C VAL A 249 -13.46 13.56 -10.01
N PHE A 250 -14.58 14.28 -9.92
CA PHE A 250 -14.55 15.75 -10.03
C PHE A 250 -13.51 16.34 -9.06
N ALA A 251 -13.54 15.90 -7.80
CA ALA A 251 -12.68 16.48 -6.75
C ALA A 251 -11.20 16.18 -7.01
N GLY A 252 -10.91 14.93 -7.36
CA GLY A 252 -9.51 14.52 -7.62
C GLY A 252 -8.94 15.25 -8.81
N VAL A 253 -9.74 15.38 -9.87
CA VAL A 253 -9.30 16.13 -11.05
C VAL A 253 -9.14 17.64 -10.76
N LEU A 254 -10.03 18.20 -9.95
CA LEU A 254 -9.89 19.58 -9.53
C LEU A 254 -8.54 19.77 -8.81
N ALA A 255 -8.25 18.87 -7.87
CA ALA A 255 -6.98 18.92 -7.12
C ALA A 255 -5.76 18.82 -8.05
N ALA A 256 -5.88 17.96 -9.07
CA ALA A 256 -4.79 17.71 -10.01
C ALA A 256 -4.52 18.88 -10.97
N ASN A 257 -5.47 19.83 -11.03
CA ASN A 257 -5.40 20.98 -11.96
C ASN A 257 -5.42 22.37 -11.33
N TRP A 258 -5.64 22.44 -10.01
CA TRP A 258 -5.71 23.71 -9.32
C TRP A 258 -4.31 24.37 -9.19
N PRO A 259 -4.21 25.68 -9.51
CA PRO A 259 -2.89 26.37 -9.44
C PRO A 259 -2.41 26.59 -7.99
N ARG A 260 -1.11 26.85 -7.81
CA ARG A 260 -0.57 27.28 -6.50
C ARG A 260 -1.10 28.66 -6.08
N ASN A 261 -1.26 28.88 -4.77
CA ASN A 261 -1.80 30.15 -4.25
C ASN A 261 -0.91 31.35 -4.68
N PRO A 262 -1.50 32.55 -4.90
CA PRO A 262 -2.92 32.93 -4.81
C PRO A 262 -3.70 32.47 -6.03
N GLY A 263 -2.96 32.19 -7.12
CA GLY A 263 -3.54 31.69 -8.36
C GLY A 263 -4.25 32.73 -9.22
N SER A 264 -4.35 32.43 -10.51
CA SER A 264 -5.06 33.28 -11.47
C SER A 264 -6.45 32.73 -11.77
N PRO A 265 -7.38 33.62 -12.11
CA PRO A 265 -8.73 33.22 -12.50
C PRO A 265 -8.79 32.23 -13.67
N ALA A 266 -7.87 32.35 -14.62
CA ALA A 266 -7.87 31.53 -15.84
C ALA A 266 -7.47 30.09 -15.54
N GLU A 267 -6.49 29.95 -14.65
CA GLU A 267 -6.04 28.64 -14.20
C GLU A 267 -7.14 27.94 -13.39
N ARG A 268 -7.83 28.70 -12.54
CA ARG A 268 -8.95 28.16 -11.78
C ARG A 268 -10.10 27.73 -12.70
N LEU A 269 -10.45 28.57 -13.68
CA LEU A 269 -11.49 28.21 -14.63
C LEU A 269 -11.12 26.94 -15.44
N ARG A 270 -9.86 26.82 -15.83
CA ARG A 270 -9.41 25.63 -16.57
C ARG A 270 -9.54 24.36 -15.69
N ALA A 271 -9.20 24.48 -14.40
CA ALA A 271 -9.34 23.35 -13.46
C ALA A 271 -10.81 22.94 -13.36
N LEU A 272 -11.69 23.94 -13.22
CA LEU A 272 -13.15 23.70 -13.14
C LEU A 272 -13.71 23.02 -14.39
N ARG A 273 -13.29 23.49 -15.57
CA ARG A 273 -13.72 22.87 -16.84
C ARG A 273 -13.30 21.40 -16.93
N ARG A 274 -12.06 21.12 -16.57
CA ARG A 274 -11.52 19.77 -16.63
C ARG A 274 -12.23 18.86 -15.62
N ALA A 275 -12.46 19.36 -14.41
CA ALA A 275 -13.14 18.59 -13.37
C ALA A 275 -14.57 18.29 -13.80
N CYS A 276 -15.24 19.28 -14.41
CA CYS A 276 -16.61 19.07 -14.92
C CYS A 276 -16.65 18.00 -16.00
N ALA A 277 -15.70 18.06 -16.94
CA ALA A 277 -15.63 17.05 -18.00
C ALA A 277 -15.36 15.66 -17.45
N ALA A 278 -14.42 15.56 -16.52
CA ALA A 278 -14.05 14.25 -15.95
C ALA A 278 -15.21 13.63 -15.17
N GLY A 279 -15.90 14.44 -14.40
CA GLY A 279 -17.10 14.03 -13.68
C GLY A 279 -18.16 13.45 -14.60
N ALA A 280 -18.38 14.11 -15.73
CA ALA A 280 -19.35 13.62 -16.71
C ALA A 280 -18.96 12.25 -17.27
N LEU A 281 -17.70 12.13 -17.68
CA LEU A 281 -17.12 10.87 -18.16
C LEU A 281 -17.24 9.76 -17.13
N ALA A 282 -17.09 10.12 -15.86
CA ALA A 282 -17.18 9.17 -14.77
C ALA A 282 -18.58 8.56 -14.66
N THR A 283 -19.61 9.28 -15.11
CA THR A 283 -20.98 8.76 -15.05
C THR A 283 -21.30 7.75 -16.18
N LEU A 284 -20.37 7.59 -17.12
CA LEU A 284 -20.58 6.69 -18.23
C LEU A 284 -20.24 5.23 -17.90
N VAL A 285 -19.62 5.04 -16.72
CA VAL A 285 -19.04 3.77 -16.30
C VAL A 285 -19.75 3.26 -15.04
N SER A 286 -20.12 1.98 -15.05
CA SER A 286 -20.64 1.32 -13.86
C SER A 286 -19.51 1.17 -12.85
N GLY A 287 -19.80 1.33 -11.58
CA GLY A 287 -18.72 1.18 -10.65
C GLY A 287 -18.25 2.53 -10.16
N VAL A 288 -17.66 2.49 -8.97
CA VAL A 288 -17.47 3.68 -8.16
C VAL A 288 -15.97 4.00 -8.13
N GLY A 289 -15.18 3.02 -7.71
CA GLY A 289 -13.75 3.24 -7.49
C GLY A 289 -12.86 3.17 -8.73
N ASP A 290 -13.43 2.71 -9.84
CA ASP A 290 -12.64 2.51 -11.05
C ASP A 290 -13.13 3.33 -12.26
N CYS A 291 -13.83 4.42 -12.02
CA CYS A 291 -14.45 5.17 -13.14
C CYS A 291 -13.74 6.45 -13.58
N ALA A 292 -12.60 6.78 -12.96
CA ALA A 292 -11.89 8.02 -13.30
C ALA A 292 -11.20 7.90 -14.68
N PRO A 293 -11.40 8.92 -15.54
CA PRO A 293 -10.82 8.86 -16.87
C PRO A 293 -9.33 9.25 -16.86
N ALA A 294 -8.62 8.82 -17.89
CA ALA A 294 -7.23 9.22 -18.08
C ALA A 294 -7.17 10.68 -18.54
N ALA A 295 -6.03 11.33 -18.33
CA ALA A 295 -5.87 12.73 -18.70
C ALA A 295 -6.23 12.97 -20.18
N ALA A 296 -5.81 12.05 -21.04
CA ALA A 296 -6.06 12.18 -22.47
C ALA A 296 -7.55 12.11 -22.81
N ALA A 297 -8.31 11.30 -22.06
CA ALA A 297 -9.77 11.24 -22.22
C ALA A 297 -10.45 12.55 -21.83
N ILE A 298 -9.94 13.18 -20.77
CA ILE A 298 -10.43 14.49 -20.33
C ILE A 298 -10.19 15.53 -21.44
N ASP A 299 -8.96 15.57 -21.95
CA ASP A 299 -8.57 16.44 -23.08
C ASP A 299 -9.50 16.26 -24.26
N ALA A 300 -9.69 15.00 -24.66
CA ALA A 300 -10.53 14.62 -25.80
C ALA A 300 -11.98 15.03 -25.64
N ALA A 301 -12.51 14.92 -24.41
CA ALA A 301 -13.89 15.31 -24.12
C ALA A 301 -14.06 16.83 -24.15
N LEU A 302 -13.02 17.54 -23.73
CA LEU A 302 -13.04 18.99 -23.80
C LEU A 302 -12.91 19.48 -25.25
N ARG A 303 -12.06 18.83 -26.05
CA ARG A 303 -11.94 19.15 -27.48
C ARG A 303 -13.28 19.03 -28.17
N ALA A 304 -13.95 17.89 -27.98
CA ALA A 304 -15.29 17.66 -28.52
C ALA A 304 -16.36 18.61 -27.94
N ASN A 305 -15.99 19.38 -26.92
CA ASN A 305 -16.90 20.27 -26.17
C ASN A 305 -18.00 19.48 -25.44
N ALA B 19 10.56 -11.20 -17.93
CA ALA B 19 10.65 -10.88 -16.48
C ALA B 19 11.29 -12.07 -15.78
N PRO B 20 12.17 -11.82 -14.79
CA PRO B 20 12.85 -12.95 -14.13
C PRO B 20 11.87 -13.80 -13.32
N ARG B 21 12.12 -15.10 -13.25
CA ARG B 21 11.22 -15.99 -12.54
C ARG B 21 11.89 -16.46 -11.24
N VAL B 22 11.24 -16.18 -10.13
CA VAL B 22 11.78 -16.47 -8.80
C VAL B 22 10.84 -17.39 -8.05
N CYS B 23 11.41 -18.44 -7.46
CA CYS B 23 10.67 -19.33 -6.56
C CYS B 23 11.19 -19.08 -5.16
N VAL B 24 10.29 -18.73 -4.26
CA VAL B 24 10.66 -18.55 -2.89
C VAL B 24 10.09 -19.69 -2.06
N VAL B 25 10.97 -20.41 -1.38
CA VAL B 25 10.53 -21.48 -0.48
C VAL B 25 10.85 -21.03 0.93
N GLY B 26 9.83 -20.82 1.76
CA GLY B 26 10.10 -20.20 3.05
C GLY B 26 8.90 -20.01 3.96
N SER B 27 9.11 -19.21 5.00
CA SER B 27 8.16 -19.14 6.08
C SER B 27 7.13 -18.03 5.84
N VAL B 28 5.99 -18.17 6.50
CA VAL B 28 4.96 -17.14 6.53
C VAL B 28 4.38 -17.14 7.95
N ASN B 29 4.25 -15.94 8.54
CA ASN B 29 3.77 -15.76 9.90
C ASN B 29 2.81 -14.58 9.99
N MET B 30 1.85 -14.66 10.90
CA MET B 30 1.11 -13.48 11.31
C MET B 30 1.88 -12.84 12.46
N ASP B 31 2.15 -11.55 12.36
CA ASP B 31 2.75 -10.76 13.42
C ASP B 31 1.62 -10.10 14.24
N LEU B 32 1.59 -10.38 15.54
CA LEU B 32 0.63 -9.78 16.45
C LEU B 32 1.39 -8.80 17.32
N THR B 33 1.17 -7.51 17.09
CA THR B 33 1.87 -6.47 17.83
C THR B 33 0.98 -5.90 18.91
N PHE B 34 1.40 -6.11 20.17
CA PHE B 34 0.67 -5.64 21.35
C PHE B 34 1.41 -4.43 21.92
N VAL B 35 0.71 -3.35 22.19
CA VAL B 35 1.30 -2.23 22.93
C VAL B 35 0.88 -2.34 24.39
N VAL B 36 1.86 -2.35 25.31
CA VAL B 36 1.58 -2.47 26.75
C VAL B 36 2.40 -1.45 27.55
N ASP B 37 2.06 -1.27 28.82
CA ASP B 37 2.92 -0.51 29.74
C ASP B 37 4.15 -1.35 30.04
N ALA B 38 3.92 -2.53 30.62
CA ALA B 38 4.99 -3.47 30.93
C ALA B 38 4.55 -4.89 30.61
N LEU B 39 5.53 -5.74 30.33
CA LEU B 39 5.30 -7.17 30.21
C LEU B 39 4.65 -7.72 31.49
N PRO B 40 3.75 -8.71 31.35
CA PRO B 40 3.18 -9.32 32.54
C PRO B 40 4.25 -10.07 33.33
N ARG B 41 4.16 -9.99 34.64
CA ARG B 41 5.04 -10.75 35.52
C ARG B 41 4.47 -12.15 35.69
N PRO B 42 5.29 -13.10 36.21
CA PRO B 42 4.78 -14.45 36.47
C PRO B 42 3.50 -14.40 37.29
N GLY B 43 2.46 -15.12 36.85
CA GLY B 43 1.21 -15.18 37.58
C GLY B 43 0.28 -13.99 37.40
N GLU B 44 0.71 -13.02 36.61
CA GLU B 44 -0.03 -11.77 36.41
C GLU B 44 -0.74 -11.76 35.03
N THR B 45 -1.87 -11.05 35.00
CA THR B 45 -2.60 -10.72 33.77
C THR B 45 -2.48 -9.23 33.54
N VAL B 46 -2.07 -8.88 32.32
CA VAL B 46 -1.94 -7.50 31.89
C VAL B 46 -2.87 -7.28 30.68
N LEU B 47 -3.48 -6.09 30.61
CA LEU B 47 -4.25 -5.67 29.41
C LEU B 47 -3.43 -4.82 28.46
N ALA B 48 -3.41 -5.20 27.18
CA ALA B 48 -2.75 -4.40 26.14
C ALA B 48 -3.60 -3.19 25.78
N ALA B 49 -2.95 -2.08 25.43
CA ALA B 49 -3.64 -0.89 24.89
C ALA B 49 -4.19 -1.20 23.50
N SER B 50 -3.48 -2.04 22.75
CA SER B 50 -3.90 -2.35 21.38
C SER B 50 -3.28 -3.64 20.91
N LEU B 51 -3.92 -4.27 19.92
CA LEU B 51 -3.36 -5.38 19.19
C LEU B 51 -3.51 -5.11 17.70
N THR B 52 -2.41 -5.19 16.95
CA THR B 52 -2.45 -5.00 15.49
C THR B 52 -1.86 -6.24 14.82
N ARG B 53 -2.65 -6.83 13.92
CA ARG B 53 -2.25 -8.05 13.20
C ARG B 53 -1.72 -7.67 11.82
N THR B 54 -0.48 -8.07 11.51
CA THR B 54 0.11 -7.81 10.17
C THR B 54 0.80 -9.07 9.62
N PRO B 55 0.54 -9.41 8.34
CA PRO B 55 1.24 -10.51 7.69
C PRO B 55 2.74 -10.28 7.63
N GLY B 56 3.51 -11.34 7.86
CA GLY B 56 4.96 -11.23 7.85
C GLY B 56 5.56 -12.61 7.58
N GLY B 57 6.75 -12.83 8.13
CA GLY B 57 7.53 -14.04 7.89
C GLY B 57 8.58 -13.75 6.84
N LYS B 58 9.79 -14.27 7.02
CA LYS B 58 10.89 -14.04 6.05
C LYS B 58 10.53 -14.42 4.63
N GLY B 59 10.01 -15.62 4.44
CA GLY B 59 9.71 -16.06 3.07
C GLY B 59 8.66 -15.17 2.41
N ALA B 60 7.57 -14.90 3.12
CA ALA B 60 6.51 -14.02 2.57
C ALA B 60 7.04 -12.63 2.26
N ASN B 61 7.79 -12.04 3.19
CA ASN B 61 8.33 -10.68 2.97
C ASN B 61 9.27 -10.64 1.76
N GLN B 62 10.10 -11.66 1.62
CA GLN B 62 11.04 -11.72 0.49
C GLN B 62 10.31 -11.93 -0.85
N ALA B 63 9.24 -12.73 -0.83
CA ALA B 63 8.43 -12.96 -2.03
C ALA B 63 7.78 -11.67 -2.49
N VAL B 64 7.20 -10.94 -1.54
CA VAL B 64 6.59 -9.65 -1.83
C VAL B 64 7.62 -8.67 -2.43
N ALA B 65 8.79 -8.57 -1.80
CA ALA B 65 9.84 -7.68 -2.30
C ALA B 65 10.28 -8.03 -3.71
N ALA B 66 10.45 -9.34 -3.97
CA ALA B 66 10.80 -9.79 -5.32
C ALA B 66 9.75 -9.42 -6.35
N ALA B 67 8.48 -9.62 -6.02
CA ALA B 67 7.37 -9.32 -6.92
C ALA B 67 7.32 -7.81 -7.17
N ARG B 68 7.43 -7.00 -6.12
CA ARG B 68 7.37 -5.54 -6.31
C ARG B 68 8.54 -5.04 -7.14
N ALA B 69 9.69 -5.69 -6.99
CA ALA B 69 10.88 -5.35 -7.78
C ALA B 69 10.86 -5.85 -9.23
N GLY B 70 9.79 -6.52 -9.64
CA GLY B 70 9.61 -6.88 -11.04
C GLY B 70 9.66 -8.36 -11.41
N ALA B 71 9.93 -9.23 -10.44
CA ALA B 71 9.98 -10.67 -10.73
C ALA B 71 8.60 -11.29 -10.80
N GLN B 72 8.48 -12.33 -11.61
CA GLN B 72 7.36 -13.25 -11.55
C GLN B 72 7.68 -14.26 -10.41
N VAL B 73 6.88 -14.24 -9.36
CA VAL B 73 7.22 -14.97 -8.12
C VAL B 73 6.24 -16.10 -7.81
N GLN B 74 6.76 -17.27 -7.51
CA GLN B 74 5.97 -18.33 -6.90
C GLN B 74 6.45 -18.59 -5.48
N PHE B 75 5.53 -18.59 -4.53
CA PHE B 75 5.85 -18.84 -3.13
C PHE B 75 5.39 -20.25 -2.75
N SER B 76 6.31 -21.05 -2.20
CA SER B 76 5.95 -22.32 -1.58
C SER B 76 6.18 -22.19 -0.08
N GLY B 77 5.09 -22.31 0.66
CA GLY B 77 5.12 -22.21 2.11
C GLY B 77 3.89 -22.90 2.64
N ALA B 78 3.83 -23.02 3.97
CA ALA B 78 2.78 -23.75 4.66
C ALA B 78 1.91 -22.82 5.48
N PHE B 79 0.60 -22.96 5.31
CA PHE B 79 -0.36 -22.14 6.05
C PHE B 79 -1.14 -23.02 7.03
N GLY B 80 -1.58 -22.44 8.14
CA GLY B 80 -2.43 -23.13 9.10
C GLY B 80 -3.91 -23.12 8.70
N ASP B 81 -4.78 -23.52 9.63
CA ASP B 81 -6.23 -23.62 9.39
C ASP B 81 -7.03 -22.53 10.09
N ASP B 82 -6.32 -21.53 10.60
CA ASP B 82 -6.88 -20.45 11.42
C ASP B 82 -7.28 -19.25 10.55
N PRO B 83 -8.06 -18.29 11.09
CA PRO B 83 -8.34 -17.09 10.28
C PRO B 83 -7.07 -16.34 9.80
N ALA B 84 -6.00 -16.40 10.59
CA ALA B 84 -4.71 -15.84 10.14
C ALA B 84 -4.28 -16.36 8.77
N ALA B 85 -4.47 -17.64 8.50
CA ALA B 85 -4.02 -18.19 7.20
C ALA B 85 -4.66 -17.48 6.01
N ALA B 86 -5.94 -17.14 6.14
CA ALA B 86 -6.65 -16.48 5.06
C ALA B 86 -6.13 -15.05 4.86
N GLN B 87 -5.78 -14.37 5.96
CA GLN B 87 -5.16 -13.06 5.84
C GLN B 87 -3.76 -13.10 5.20
N LEU B 88 -3.03 -14.18 5.50
CA LEU B 88 -1.68 -14.34 4.96
C LEU B 88 -1.74 -14.62 3.45
N ARG B 89 -2.66 -15.49 3.05
CA ARG B 89 -2.83 -15.79 1.63
C ARG B 89 -3.27 -14.53 0.88
N ALA B 90 -4.15 -13.75 1.50
CA ALA B 90 -4.70 -12.53 0.89
C ALA B 90 -3.64 -11.49 0.66
N HIS B 91 -2.75 -11.36 1.63
CA HIS B 91 -1.60 -10.46 1.54
C HIS B 91 -0.72 -10.81 0.32
N LEU B 92 -0.38 -12.09 0.19
CA LEU B 92 0.50 -12.54 -0.90
C LEU B 92 -0.15 -12.38 -2.27
N ARG B 93 -1.40 -12.79 -2.37
CA ARG B 93 -2.18 -12.70 -3.61
C ARG B 93 -2.31 -11.22 -4.05
N ALA B 94 -2.52 -10.33 -3.09
CA ALA B 94 -2.69 -8.91 -3.38
C ALA B 94 -1.39 -8.33 -3.89
N ASN B 95 -0.26 -8.95 -3.51
CA ASN B 95 1.06 -8.50 -3.96
C ASN B 95 1.57 -9.25 -5.17
N ALA B 96 0.67 -9.94 -5.85
CA ALA B 96 0.97 -10.64 -7.11
C ALA B 96 1.91 -11.84 -6.93
N VAL B 97 1.93 -12.43 -5.75
CA VAL B 97 2.75 -13.62 -5.51
C VAL B 97 1.90 -14.86 -5.77
N GLY B 98 2.37 -15.72 -6.67
CA GLY B 98 1.66 -17.00 -6.96
C GLY B 98 1.67 -17.95 -5.77
N LEU B 99 0.54 -18.65 -5.57
CA LEU B 99 0.35 -19.55 -4.43
C LEU B 99 -0.12 -20.98 -4.78
N ASP B 100 -0.02 -21.37 -6.03
CA ASP B 100 -0.50 -22.72 -6.38
C ASP B 100 0.32 -23.84 -5.75
N ARG B 101 1.56 -23.56 -5.38
CA ARG B 101 2.43 -24.58 -4.79
C ARG B 101 2.57 -24.53 -3.27
N THR B 102 1.59 -23.96 -2.58
CA THR B 102 1.62 -23.88 -1.11
C THR B 102 0.93 -25.10 -0.49
N VAL B 103 1.14 -25.30 0.81
CA VAL B 103 0.45 -26.38 1.53
C VAL B 103 -0.40 -25.78 2.66
N THR B 104 -1.49 -26.47 3.01
CA THR B 104 -2.27 -26.16 4.20
C THR B 104 -2.17 -27.31 5.20
N VAL B 105 -1.83 -26.98 6.44
CA VAL B 105 -1.70 -27.99 7.50
C VAL B 105 -2.62 -27.63 8.69
N PRO B 106 -3.26 -28.63 9.32
CA PRO B 106 -4.08 -28.36 10.49
C PRO B 106 -3.29 -27.64 11.58
N GLY B 107 -3.96 -26.76 12.31
CA GLY B 107 -3.31 -26.06 13.42
C GLY B 107 -2.93 -24.63 13.07
N PRO B 108 -2.33 -23.91 14.03
CA PRO B 108 -2.07 -22.48 13.84
C PRO B 108 -1.07 -22.21 12.72
N SER B 109 -1.24 -21.04 12.09
CA SER B 109 -0.22 -20.51 11.19
C SER B 109 1.01 -20.17 12.03
N GLY B 110 2.18 -20.05 11.41
CA GLY B 110 3.32 -19.41 12.07
C GLY B 110 2.84 -18.12 12.69
N THR B 111 3.30 -17.84 13.90
CA THR B 111 2.86 -16.68 14.68
C THR B 111 4.05 -16.05 15.39
N ALA B 112 4.16 -14.73 15.30
CA ALA B 112 5.10 -13.96 16.10
C ALA B 112 4.33 -12.96 16.97
N ILE B 113 4.62 -12.98 18.26
CA ILE B 113 4.06 -12.01 19.20
C ILE B 113 5.14 -10.97 19.44
N ILE B 114 4.82 -9.71 19.17
CA ILE B 114 5.74 -8.59 19.40
C ILE B 114 5.09 -7.69 20.41
N VAL B 115 5.71 -7.59 21.57
CA VAL B 115 5.21 -6.74 22.63
C VAL B 115 6.09 -5.51 22.73
N VAL B 116 5.46 -4.35 22.59
CA VAL B 116 6.15 -3.06 22.67
C VAL B 116 5.72 -2.39 23.96
N ASP B 117 6.68 -2.15 24.85
CA ASP B 117 6.39 -1.62 26.19
C ASP B 117 6.68 -0.13 26.34
N ALA B 118 6.41 0.42 27.53
CA ALA B 118 6.52 1.86 27.78
C ALA B 118 7.93 2.43 27.58
N SER B 119 8.96 1.60 27.71
CA SER B 119 10.34 2.04 27.44
C SER B 119 10.77 1.70 26.02
N ALA B 120 9.79 1.36 25.19
CA ALA B 120 10.00 1.03 23.76
C ALA B 120 10.91 -0.17 23.47
N GLU B 121 11.09 -1.05 24.45
CA GLU B 121 11.72 -2.36 24.20
C GLU B 121 10.73 -3.25 23.43
N ASN B 122 11.24 -4.00 22.47
CA ASN B 122 10.47 -5.00 21.74
C ASN B 122 10.81 -6.39 22.20
N THR B 123 9.82 -7.09 22.74
CA THR B 123 9.97 -8.46 23.20
C THR B 123 9.23 -9.35 22.27
N VAL B 124 9.92 -10.34 21.72
CA VAL B 124 9.39 -11.12 20.61
C VAL B 124 9.33 -12.59 20.98
N LEU B 125 8.17 -13.20 20.73
CA LEU B 125 7.97 -14.62 20.97
C LEU B 125 7.45 -15.26 19.70
N VAL B 126 8.13 -16.31 19.24
CA VAL B 126 7.84 -16.88 17.92
C VAL B 126 7.48 -18.36 18.04
N ALA B 127 6.45 -18.79 17.32
CA ALA B 127 6.22 -20.21 17.13
C ALA B 127 6.23 -20.51 15.64
N PRO B 128 6.90 -21.59 15.22
CA PRO B 128 6.89 -21.97 13.79
C PRO B 128 5.51 -22.32 13.26
N GLY B 129 4.64 -22.86 14.11
CA GLY B 129 3.31 -23.32 13.69
C GLY B 129 3.44 -24.15 12.42
N ALA B 130 2.64 -23.80 11.41
CA ALA B 130 2.60 -24.55 10.18
C ALA B 130 3.92 -24.59 9.41
N ASN B 131 4.80 -23.59 9.61
CA ASN B 131 6.10 -23.57 8.92
C ASN B 131 6.96 -24.80 9.17
N ALA B 132 6.79 -25.39 10.36
CA ALA B 132 7.55 -26.57 10.75
C ALA B 132 7.12 -27.80 9.97
N HIS B 133 5.97 -27.74 9.31
CA HIS B 133 5.46 -28.88 8.54
C HIS B 133 5.52 -28.63 7.04
N LEU B 134 6.35 -27.67 6.62
CA LEU B 134 6.57 -27.45 5.20
C LEU B 134 7.41 -28.58 4.59
N THR B 135 6.88 -29.11 3.50
CA THR B 135 7.47 -30.21 2.82
C THR B 135 7.86 -29.70 1.43
N PRO B 136 8.82 -30.35 0.74
CA PRO B 136 9.29 -29.82 -0.54
C PRO B 136 8.23 -29.87 -1.66
N VAL B 137 8.28 -28.89 -2.56
CA VAL B 137 7.54 -28.95 -3.82
C VAL B 137 8.49 -28.69 -4.98
N PRO B 138 9.25 -29.73 -5.41
CA PRO B 138 10.26 -29.51 -6.47
C PRO B 138 9.73 -28.97 -7.77
N SER B 139 8.47 -29.27 -8.12
CA SER B 139 7.90 -28.74 -9.36
C SER B 139 7.75 -27.21 -9.34
N ALA B 140 7.75 -26.63 -8.14
CA ALA B 140 7.72 -25.16 -7.95
C ALA B 140 8.97 -24.48 -8.53
N VAL B 141 10.12 -25.15 -8.52
CA VAL B 141 11.37 -24.57 -9.03
C VAL B 141 11.49 -24.70 -10.55
N ALA B 142 10.62 -25.51 -11.15
CA ALA B 142 10.67 -25.77 -12.60
C ALA B 142 10.62 -24.45 -13.40
N ASN B 143 11.61 -24.27 -14.27
CA ASN B 143 11.74 -23.06 -15.09
C ASN B 143 11.86 -21.74 -14.29
N CYS B 144 12.37 -21.81 -13.07
CA CYS B 144 12.73 -20.60 -12.34
C CYS B 144 14.17 -20.26 -12.62
N ASP B 145 14.49 -18.98 -12.57
CA ASP B 145 15.87 -18.50 -12.67
C ASP B 145 16.59 -18.59 -11.33
N VAL B 146 15.88 -18.24 -10.26
CA VAL B 146 16.45 -18.21 -8.91
C VAL B 146 15.50 -18.92 -7.91
N LEU B 147 16.06 -19.76 -7.06
CA LEU B 147 15.38 -20.22 -5.86
C LEU B 147 15.90 -19.41 -4.68
N LEU B 148 14.99 -18.85 -3.90
CA LEU B 148 15.38 -18.15 -2.67
C LEU B 148 14.73 -18.83 -1.47
N THR B 149 15.56 -19.17 -0.49
CA THR B 149 15.05 -19.83 0.69
C THR B 149 15.74 -19.22 1.92
N GLN B 150 15.20 -19.49 3.11
CA GLN B 150 15.76 -19.00 4.35
C GLN B 150 15.74 -20.12 5.38
N LEU B 151 16.09 -19.81 6.62
CA LEU B 151 16.23 -20.85 7.65
C LEU B 151 15.06 -20.95 8.65
N GLU B 152 13.89 -20.41 8.29
CA GLU B 152 12.70 -20.50 9.16
C GLU B 152 11.75 -21.63 8.73
N ILE B 153 12.24 -22.50 7.85
CA ILE B 153 11.52 -23.73 7.50
C ILE B 153 12.48 -24.89 7.76
N PRO B 154 11.95 -26.14 7.81
CA PRO B 154 12.83 -27.29 8.06
C PRO B 154 14.01 -27.32 7.11
N VAL B 155 15.23 -27.52 7.64
CA VAL B 155 16.41 -27.53 6.78
C VAL B 155 16.31 -28.63 5.71
N ALA B 156 15.70 -29.77 6.05
CA ALA B 156 15.53 -30.83 5.05
C ALA B 156 14.70 -30.34 3.85
N THR B 157 13.73 -29.46 4.09
CA THR B 157 12.90 -28.93 2.99
C THR B 157 13.68 -27.92 2.12
N ALA B 158 14.43 -27.03 2.77
CA ALA B 158 15.33 -26.10 2.07
C ALA B 158 16.35 -26.83 1.20
N LEU B 159 16.93 -27.89 1.77
CA LEU B 159 17.92 -28.70 1.06
C LEU B 159 17.29 -29.38 -0.16
N ALA B 160 16.10 -29.94 0.01
CA ALA B 160 15.43 -30.61 -1.11
C ALA B 160 15.07 -29.61 -2.20
N ALA B 161 14.64 -28.41 -1.81
CA ALA B 161 14.36 -27.36 -2.78
C ALA B 161 15.63 -26.97 -3.51
N ALA B 162 16.73 -26.85 -2.77
CA ALA B 162 18.02 -26.52 -3.42
C ALA B 162 18.48 -27.59 -4.41
N ARG B 163 18.26 -28.86 -4.06
CA ARG B 163 18.57 -29.97 -4.98
C ARG B 163 17.71 -29.88 -6.26
N ALA B 164 16.43 -29.57 -6.09
CA ALA B 164 15.56 -29.39 -7.24
C ALA B 164 16.05 -28.22 -8.09
N ALA B 165 16.39 -27.10 -7.43
CA ALA B 165 16.93 -25.95 -8.17
C ALA B 165 18.19 -26.34 -8.95
N GLN B 166 19.07 -27.11 -8.32
CA GLN B 166 20.26 -27.59 -9.02
C GLN B 166 19.91 -28.35 -10.29
N SER B 167 18.94 -29.26 -10.20
CA SER B 167 18.46 -30.00 -11.37
C SER B 167 17.91 -29.11 -12.46
N ALA B 168 17.19 -28.07 -12.06
CA ALA B 168 16.50 -27.18 -12.97
C ALA B 168 17.40 -26.05 -13.49
N ASP B 169 18.67 -26.07 -13.11
CA ASP B 169 19.65 -25.03 -13.45
C ASP B 169 19.22 -23.63 -12.96
N ALA B 170 18.63 -23.60 -11.76
CA ALA B 170 18.26 -22.35 -11.11
C ALA B 170 19.31 -22.03 -10.05
N VAL B 171 19.58 -20.74 -9.85
CA VAL B 171 20.53 -20.29 -8.83
C VAL B 171 19.97 -20.66 -7.45
N VAL B 172 20.81 -21.25 -6.61
CA VAL B 172 20.44 -21.53 -5.22
C VAL B 172 20.88 -20.35 -4.33
N MET B 173 19.91 -19.57 -3.88
CA MET B 173 20.20 -18.39 -3.06
C MET B 173 19.62 -18.58 -1.67
N VAL B 174 20.47 -18.59 -0.66
CA VAL B 174 20.02 -18.87 0.70
C VAL B 174 20.23 -17.64 1.55
N ASN B 175 19.19 -17.18 2.20
CA ASN B 175 19.34 -16.17 3.25
C ASN B 175 19.57 -16.92 4.55
N ALA B 176 20.81 -16.82 5.06
CA ALA B 176 21.22 -17.57 6.25
C ALA B 176 20.69 -16.92 7.54
N SER B 177 19.36 -16.90 7.65
CA SER B 177 18.67 -16.19 8.72
C SER B 177 17.42 -16.98 9.08
N PRO B 178 17.10 -17.09 10.39
CA PRO B 178 17.82 -16.48 11.52
C PRO B 178 19.09 -17.22 11.90
N ALA B 179 19.96 -16.53 12.63
CA ALA B 179 21.19 -17.10 13.13
C ALA B 179 20.93 -18.09 14.26
N GLY B 180 21.99 -18.78 14.69
CA GLY B 180 21.93 -19.65 15.87
C GLY B 180 21.51 -21.06 15.58
N GLN B 181 21.26 -21.37 14.30
CA GLN B 181 20.95 -22.74 13.88
C GLN B 181 22.16 -23.63 14.12
N ASP B 182 21.89 -24.91 14.35
CA ASP B 182 22.94 -25.91 14.55
C ASP B 182 23.84 -26.00 13.33
N ARG B 183 25.15 -25.81 13.54
CA ARG B 183 26.15 -25.82 12.48
C ARG B 183 26.14 -27.05 11.58
N SER B 184 26.17 -28.24 12.17
CA SER B 184 26.18 -29.49 11.41
C SER B 184 24.93 -29.66 10.54
N SER B 185 23.79 -29.18 11.04
CA SER B 185 22.53 -29.23 10.31
C SER B 185 22.54 -28.41 9.01
N LEU B 186 23.46 -27.45 8.91
CA LEU B 186 23.51 -26.52 7.77
C LEU B 186 24.58 -26.89 6.75
N GLN B 187 25.37 -27.92 7.03
CA GLN B 187 26.54 -28.22 6.18
C GLN B 187 26.18 -28.60 4.74
N ASP B 188 25.17 -29.47 4.58
CA ASP B 188 24.76 -29.90 3.25
C ASP B 188 24.19 -28.72 2.44
N LEU B 189 23.34 -27.92 3.09
CA LEU B 189 22.79 -26.70 2.44
C LEU B 189 23.91 -25.71 2.08
N ALA B 190 24.85 -25.47 3.00
CA ALA B 190 25.99 -24.59 2.71
C ALA B 190 26.79 -25.06 1.48
N ALA B 191 26.99 -26.38 1.37
CA ALA B 191 27.72 -26.98 0.25
C ALA B 191 27.06 -26.80 -1.12
N ILE B 192 25.73 -26.72 -1.11
CA ILE B 192 24.93 -26.63 -2.33
C ILE B 192 24.58 -25.15 -2.71
N ALA B 193 24.72 -24.21 -1.78
CA ALA B 193 24.32 -22.81 -2.06
C ALA B 193 25.27 -22.10 -3.03
N ASP B 194 24.69 -21.42 -4.02
CA ASP B 194 25.46 -20.58 -4.94
C ASP B 194 25.71 -19.19 -4.35
N VAL B 195 24.65 -18.65 -3.76
CA VAL B 195 24.65 -17.30 -3.19
C VAL B 195 24.15 -17.43 -1.76
N VAL B 196 24.89 -16.86 -0.81
CA VAL B 196 24.35 -16.80 0.56
C VAL B 196 24.28 -15.33 0.96
N ILE B 197 23.13 -14.95 1.53
CA ILE B 197 22.93 -13.61 2.05
C ILE B 197 22.87 -13.68 3.57
N ALA B 198 23.67 -12.86 4.24
CA ALA B 198 23.73 -12.94 5.69
C ALA B 198 24.20 -11.60 6.22
N ASN B 199 23.75 -11.21 7.40
CA ASN B 199 24.39 -10.08 8.08
C ASN B 199 25.68 -10.59 8.75
N GLU B 200 26.44 -9.72 9.40
CA GLU B 200 27.73 -10.13 9.95
C GLU B 200 27.64 -11.21 11.03
N HIS B 201 26.67 -11.07 11.94
CA HIS B 201 26.44 -12.07 12.96
C HIS B 201 26.00 -13.41 12.35
N GLU B 202 25.06 -13.34 11.41
CA GLU B 202 24.57 -14.54 10.71
C GLU B 202 25.66 -15.25 9.92
N ALA B 203 26.57 -14.46 9.34
CA ALA B 203 27.65 -15.04 8.55
C ALA B 203 28.57 -15.96 9.40
N ASN B 204 28.88 -15.52 10.63
CA ASN B 204 29.66 -16.33 11.58
C ASN B 204 29.06 -17.72 11.89
N ASP B 205 27.74 -17.86 11.72
CA ASP B 205 27.06 -19.13 12.00
C ASP B 205 26.89 -19.98 10.76
N TRP B 206 27.37 -19.49 9.62
CA TRP B 206 27.27 -20.23 8.37
C TRP B 206 28.53 -21.09 8.16
N PRO B 207 28.36 -22.42 7.95
CA PRO B 207 29.46 -23.39 8.00
C PRO B 207 30.58 -23.22 6.98
N SER B 208 30.26 -22.74 5.79
CA SER B 208 31.26 -22.60 4.73
C SER B 208 30.82 -21.61 3.64
N PRO B 209 31.80 -20.91 3.02
CA PRO B 209 31.49 -19.83 2.09
C PRO B 209 30.99 -20.36 0.75
N PRO B 210 30.00 -19.66 0.18
CA PRO B 210 29.53 -20.09 -1.12
C PRO B 210 30.38 -19.46 -2.23
N THR B 211 30.01 -19.74 -3.47
CA THR B 211 30.57 -19.08 -4.62
C THR B 211 30.42 -17.56 -4.50
N HIS B 212 29.26 -17.10 -4.03
CA HIS B 212 28.97 -15.67 -3.94
C HIS B 212 28.41 -15.37 -2.56
N PHE B 213 29.24 -14.78 -1.70
CA PHE B 213 28.89 -14.53 -0.32
C PHE B 213 28.55 -13.04 -0.19
N VAL B 214 27.30 -12.75 0.18
CA VAL B 214 26.80 -11.37 0.24
C VAL B 214 26.50 -11.04 1.68
N ILE B 215 27.25 -10.10 2.26
CA ILE B 215 27.13 -9.76 3.66
C ILE B 215 26.54 -8.37 3.81
N THR B 216 25.37 -8.28 4.43
CA THR B 216 24.71 -7.00 4.57
C THR B 216 25.31 -6.23 5.76
N LEU B 217 25.43 -4.92 5.61
CA LEU B 217 26.12 -4.10 6.61
C LEU B 217 25.25 -2.92 7.10
N GLY B 218 23.96 -3.15 7.29
CA GLY B 218 23.04 -2.07 7.69
C GLY B 218 23.23 -0.84 6.85
N VAL B 219 23.48 0.30 7.51
CA VAL B 219 23.66 1.61 6.84
C VAL B 219 24.71 1.62 5.73
N ARG B 220 25.77 0.83 5.90
CA ARG B 220 26.87 0.80 4.92
C ARG B 220 26.59 0.03 3.64
N GLY B 221 25.42 -0.59 3.53
CA GLY B 221 25.07 -1.37 2.35
C GLY B 221 25.44 -2.84 2.52
N ALA B 222 26.39 -3.31 1.71
CA ALA B 222 26.80 -4.70 1.73
C ALA B 222 28.25 -4.85 1.29
N ARG B 223 28.82 -6.02 1.59
CA ARG B 223 30.07 -6.40 0.97
C ARG B 223 29.97 -7.79 0.36
N TYR B 224 30.84 -8.04 -0.61
CA TYR B 224 30.84 -9.28 -1.37
C TYR B 224 32.21 -9.95 -1.26
N VAL B 225 32.21 -11.26 -1.10
CA VAL B 225 33.41 -12.09 -1.28
C VAL B 225 33.03 -13.37 -2.02
N GLY B 226 33.71 -13.66 -3.12
CA GLY B 226 33.37 -14.82 -3.92
C GLY B 226 34.14 -14.83 -5.22
N ALA B 227 33.64 -15.60 -6.18
CA ALA B 227 34.29 -15.77 -7.48
C ALA B 227 34.59 -14.47 -8.21
N ASP B 228 33.79 -13.42 -7.94
CA ASP B 228 33.94 -12.15 -8.66
C ASP B 228 34.94 -11.20 -8.00
N GLY B 229 35.46 -11.61 -6.85
CA GLY B 229 36.35 -10.74 -6.12
C GLY B 229 35.90 -10.40 -4.71
N VAL B 230 36.32 -9.22 -4.27
CA VAL B 230 36.13 -8.76 -2.92
C VAL B 230 35.88 -7.27 -3.05
N PHE B 231 34.71 -6.81 -2.60
CA PHE B 231 34.32 -5.40 -2.77
C PHE B 231 33.16 -4.97 -1.87
N GLU B 232 33.09 -3.67 -1.60
CA GLU B 232 32.01 -3.04 -0.85
C GLU B 232 30.95 -2.59 -1.84
N VAL B 233 29.69 -2.61 -1.41
CA VAL B 233 28.59 -2.08 -2.21
C VAL B 233 27.85 -1.11 -1.31
N PRO B 234 28.04 0.21 -1.54
CA PRO B 234 27.45 1.23 -0.69
C PRO B 234 25.95 1.32 -0.90
N ALA B 235 25.23 1.66 0.16
CA ALA B 235 23.80 1.98 0.06
C ALA B 235 23.62 3.49 -0.06
N PRO B 236 22.55 3.94 -0.76
CA PRO B 236 22.21 5.36 -0.76
C PRO B 236 22.02 5.89 0.65
N THR B 237 22.42 7.14 0.88
CA THR B 237 22.22 7.76 2.17
C THR B 237 20.75 8.15 2.29
N VAL B 238 20.14 7.77 3.42
CA VAL B 238 18.74 8.04 3.71
C VAL B 238 18.59 8.33 5.19
N THR B 239 17.43 8.88 5.57
CA THR B 239 17.10 9.07 6.97
C THR B 239 16.06 8.02 7.39
N PRO B 240 16.51 6.95 8.08
CA PRO B 240 15.63 5.87 8.50
C PRO B 240 14.46 6.30 9.36
N VAL B 241 13.35 5.60 9.18
CA VAL B 241 12.16 5.71 10.00
C VAL B 241 12.04 4.39 10.77
N ASP B 242 12.28 3.28 10.04
CA ASP B 242 12.11 1.93 10.58
C ASP B 242 12.91 0.95 9.73
N THR B 243 14.00 0.42 10.30
CA THR B 243 14.86 -0.48 9.53
C THR B 243 14.34 -1.92 9.52
N ALA B 244 13.30 -2.20 10.30
CA ALA B 244 12.71 -3.54 10.30
C ALA B 244 12.17 -3.84 8.90
N GLY B 245 12.42 -5.06 8.46
CA GLY B 245 11.97 -5.53 7.15
C GLY B 245 12.92 -5.23 6.01
N ALA B 246 13.92 -4.37 6.25
CA ALA B 246 14.88 -3.99 5.20
C ALA B 246 15.70 -5.20 4.71
N GLY B 247 16.06 -6.08 5.62
CA GLY B 247 16.83 -7.29 5.27
C GLY B 247 16.06 -8.18 4.29
N ASP B 248 14.76 -8.37 4.55
CA ASP B 248 13.93 -9.17 3.65
C ASP B 248 13.77 -8.50 2.29
N VAL B 249 13.66 -7.18 2.27
CA VAL B 249 13.62 -6.45 1.00
C VAL B 249 14.92 -6.66 0.21
N PHE B 250 16.06 -6.53 0.88
CA PHE B 250 17.35 -6.76 0.22
C PHE B 250 17.36 -8.14 -0.45
N ALA B 251 16.98 -9.17 0.29
CA ALA B 251 17.06 -10.55 -0.22
C ALA B 251 16.15 -10.76 -1.42
N GLY B 252 14.90 -10.28 -1.32
CA GLY B 252 13.92 -10.43 -2.42
C GLY B 252 14.35 -9.68 -3.69
N VAL B 253 14.88 -8.48 -3.50
CA VAL B 253 15.35 -7.69 -4.63
C VAL B 253 16.59 -8.31 -5.24
N LEU B 254 17.45 -8.88 -4.40
CA LEU B 254 18.64 -9.55 -4.90
C LEU B 254 18.21 -10.71 -5.78
N ALA B 255 17.23 -11.49 -5.31
CA ALA B 255 16.69 -12.62 -6.09
C ALA B 255 16.06 -12.19 -7.41
N ALA B 256 15.32 -11.09 -7.38
CA ALA B 256 14.66 -10.56 -8.56
C ALA B 256 15.64 -10.06 -9.63
N ASN B 257 16.88 -9.79 -9.23
CA ASN B 257 17.85 -9.18 -10.15
C ASN B 257 19.06 -10.03 -10.45
N TRP B 258 19.29 -11.10 -9.69
CA TRP B 258 20.43 -12.00 -9.91
C TRP B 258 20.34 -12.71 -11.26
N PRO B 259 21.43 -12.67 -12.07
CA PRO B 259 21.36 -13.29 -13.39
C PRO B 259 21.16 -14.80 -13.33
N ARG B 260 20.33 -15.33 -14.22
CA ARG B 260 20.25 -16.78 -14.44
C ARG B 260 21.64 -17.29 -14.84
N ASN B 261 21.88 -18.56 -14.54
CA ASN B 261 23.17 -19.21 -14.82
C ASN B 261 23.58 -19.13 -16.31
N PRO B 262 24.89 -18.94 -16.61
CA PRO B 262 26.02 -18.76 -15.68
C PRO B 262 26.25 -17.32 -15.22
N GLY B 263 25.50 -16.37 -15.78
CA GLY B 263 25.61 -14.96 -15.40
C GLY B 263 26.93 -14.29 -15.74
N SER B 264 27.13 -13.08 -15.21
CA SER B 264 28.37 -12.33 -15.38
C SER B 264 28.59 -11.43 -14.17
N PRO B 265 29.86 -11.04 -13.92
CA PRO B 265 30.14 -10.09 -12.84
C PRO B 265 29.37 -8.77 -12.94
N ALA B 266 29.20 -8.23 -14.16
CA ALA B 266 28.45 -6.98 -14.32
C ALA B 266 26.99 -7.15 -13.87
N GLU B 267 26.38 -8.28 -14.22
CA GLU B 267 24.98 -8.53 -13.86
C GLU B 267 24.79 -8.77 -12.34
N ARG B 268 25.75 -9.44 -11.71
CA ARG B 268 25.68 -9.64 -10.25
C ARG B 268 25.93 -8.35 -9.49
N LEU B 269 26.84 -7.53 -10.00
CA LEU B 269 27.08 -6.22 -9.42
C LEU B 269 25.83 -5.35 -9.48
N ARG B 270 25.15 -5.37 -10.62
CA ARG B 270 23.91 -4.61 -10.80
C ARG B 270 22.89 -5.09 -9.76
N ALA B 271 22.78 -6.41 -9.58
CA ALA B 271 21.82 -6.98 -8.63
C ALA B 271 22.12 -6.49 -7.22
N LEU B 272 23.39 -6.51 -6.84
CA LEU B 272 23.83 -6.04 -5.54
C LEU B 272 23.49 -4.59 -5.29
N ARG B 273 23.78 -3.74 -6.28
CA ARG B 273 23.51 -2.31 -6.16
C ARG B 273 22.01 -2.06 -5.96
N ARG B 274 21.20 -2.76 -6.76
CA ARG B 274 19.74 -2.63 -6.69
C ARG B 274 19.20 -3.10 -5.34
N ALA B 275 19.73 -4.22 -4.83
CA ALA B 275 19.32 -4.75 -3.51
C ALA B 275 19.70 -3.81 -2.36
N CYS B 276 20.89 -3.23 -2.45
CA CYS B 276 21.33 -2.26 -1.43
C CYS B 276 20.43 -1.03 -1.43
N ALA B 277 20.11 -0.56 -2.63
CA ALA B 277 19.25 0.62 -2.80
C ALA B 277 17.84 0.33 -2.31
N ALA B 278 17.29 -0.83 -2.66
CA ALA B 278 15.95 -1.23 -2.17
C ALA B 278 15.90 -1.38 -0.64
N GLY B 279 16.95 -1.96 -0.06
CA GLY B 279 17.05 -2.05 1.40
C GLY B 279 17.03 -0.68 2.08
N ALA B 280 17.75 0.28 1.50
CA ALA B 280 17.75 1.66 2.02
C ALA B 280 16.33 2.26 1.96
N LEU B 281 15.70 2.13 0.80
CA LEU B 281 14.33 2.61 0.63
C LEU B 281 13.38 2.01 1.66
N ALA B 282 13.59 0.73 1.99
CA ALA B 282 12.73 0.01 2.92
C ALA B 282 12.80 0.61 4.32
N THR B 283 13.89 1.28 4.66
CA THR B 283 14.03 1.89 6.01
C THR B 283 13.23 3.18 6.16
N LEU B 284 12.65 3.65 5.04
CA LEU B 284 11.94 4.91 5.02
C LEU B 284 10.46 4.74 5.36
N VAL B 285 10.02 3.48 5.49
CA VAL B 285 8.62 3.13 5.70
C VAL B 285 8.46 2.32 6.98
N SER B 286 7.44 2.66 7.78
CA SER B 286 7.12 1.91 8.99
C SER B 286 6.64 0.50 8.64
N GLY B 287 7.00 -0.46 9.49
CA GLY B 287 6.54 -1.84 9.36
C GLY B 287 7.37 -2.68 8.40
N VAL B 288 7.16 -3.99 8.42
CA VAL B 288 7.93 -4.93 7.59
C VAL B 288 7.23 -5.37 6.31
N GLY B 289 5.90 -5.32 6.29
CA GLY B 289 5.12 -5.99 5.26
C GLY B 289 4.85 -5.20 4.01
N ASP B 290 4.92 -3.88 4.13
CA ASP B 290 4.63 -3.01 3.00
C ASP B 290 5.75 -2.06 2.63
N CYS B 291 6.97 -2.36 3.09
CA CYS B 291 8.07 -1.44 2.88
C CYS B 291 8.91 -1.69 1.64
N ALA B 292 8.54 -2.69 0.84
CA ALA B 292 9.27 -2.98 -0.39
C ALA B 292 8.99 -1.97 -1.49
N PRO B 293 10.05 -1.38 -2.10
CA PRO B 293 9.88 -0.41 -3.20
C PRO B 293 9.61 -1.07 -4.54
N ALA B 294 9.02 -0.30 -5.47
CA ALA B 294 8.85 -0.75 -6.85
C ALA B 294 10.15 -0.60 -7.64
N ALA B 295 10.26 -1.31 -8.77
CA ALA B 295 11.46 -1.26 -9.60
C ALA B 295 11.79 0.16 -10.03
N ALA B 296 10.74 0.94 -10.32
CA ALA B 296 10.90 2.36 -10.68
C ALA B 296 11.53 3.20 -9.57
N ALA B 297 11.10 2.97 -8.32
CA ALA B 297 11.71 3.66 -7.19
C ALA B 297 13.17 3.25 -7.00
N ILE B 298 13.50 1.99 -7.29
CA ILE B 298 14.88 1.52 -7.17
C ILE B 298 15.77 2.23 -8.20
N ASP B 299 15.31 2.27 -9.46
CA ASP B 299 15.99 3.00 -10.52
C ASP B 299 16.26 4.46 -10.12
N ALA B 300 15.23 5.17 -9.68
CA ALA B 300 15.35 6.56 -9.24
C ALA B 300 16.36 6.74 -8.10
N ALA B 301 16.32 5.88 -7.10
CA ALA B 301 17.23 5.95 -5.96
C ALA B 301 18.69 5.77 -6.41
N LEU B 302 18.89 4.99 -7.46
CA LEU B 302 20.23 4.75 -8.02
C LEU B 302 20.71 5.89 -8.91
N ARG B 303 19.80 6.47 -9.70
CA ARG B 303 20.06 7.68 -10.49
C ARG B 303 20.53 8.80 -9.56
N ALA B 304 19.74 9.04 -8.51
CA ALA B 304 20.07 10.01 -7.48
C ALA B 304 21.37 9.69 -6.75
N ASN B 305 21.84 8.44 -6.91
CA ASN B 305 23.03 7.90 -6.23
C ASN B 305 22.98 7.98 -4.70
O5 RIB C . -18.18 8.90 -3.29
C5 RIB C . -18.38 7.47 -3.28
C4 RIB C . -17.57 6.87 -2.13
O4 RIB C . -18.19 7.24 -0.89
C3 RIB C . -17.58 5.34 -2.12
O3 RIB C . -16.42 4.73 -2.72
C2 RIB C . -17.75 4.98 -0.65
O2 RIB C . -16.65 4.21 -0.16
C1 RIB C . -17.93 6.27 0.12
O1 RIB C . -16.74 6.67 0.82
MG MG D . -19.53 5.75 -12.10
PB ADP E . 17.13 -5.43 9.10
O1B ADP E . 16.92 -4.23 10.01
O2B ADP E . 18.01 -6.49 9.73
O3B ADP E . 15.86 -5.94 8.48
PA ADP E . 19.64 -4.60 7.89
O1A ADP E . 19.95 -3.47 8.87
O2A ADP E . 20.36 -5.91 8.01
O3A ADP E . 18.03 -4.85 7.87
O5' ADP E . 19.94 -4.03 6.41
C5' ADP E . 19.93 -4.84 5.24
C4' ADP E . 20.06 -3.89 4.07
O4' ADP E . 19.16 -2.79 4.23
C3' ADP E . 21.43 -3.24 3.98
O3' ADP E . 22.31 -4.02 3.17
C2' ADP E . 21.16 -1.86 3.41
O2' ADP E . 21.11 -1.84 1.97
C1' ADP E . 19.77 -1.54 3.91
N9 ADP E . 19.80 -0.62 5.08
C8 ADP E . 19.56 -0.94 6.38
N7 ADP E . 19.68 0.14 7.18
C5 ADP E . 20.00 1.20 6.40
C6 ADP E . 20.27 2.65 6.61
N6 ADP E . 20.22 3.21 7.84
N1 ADP E . 20.58 3.40 5.52
C2 ADP E . 20.64 2.87 4.28
N3 ADP E . 20.41 1.56 4.03
C4 ADP E . 20.09 0.70 5.02
MG MG F . 10.57 -0.76 7.24
#